data_6KEY
#
_entry.id   6KEY
#
_cell.length_a   40.240
_cell.length_b   64.080
_cell.length_c   70.730
_cell.angle_alpha   90.000
_cell.angle_beta   90.000
_cell.angle_gamma   90.000
#
_symmetry.space_group_name_H-M   'P 21 21 21'
#
loop_
_entity.id
_entity.type
_entity.pdbx_description
1 polymer 'SPRY domain-containing SOCS box protein 2'
2 polymer 'Nitric oxide synthase, inducible'
3 water water
#
loop_
_entity_poly.entity_id
_entity_poly.type
_entity_poly.pdbx_seq_one_letter_code
_entity_poly.pdbx_strand_id
1 'polypeptide(L)'
;MGDLSCPEGLEELLSAPPPDLGAQRRHGWNPKDCSENIEVKEGGLYFERRPVAQSTDGARGKRGYSRGLHAWEISWPLEQ
RGTHAVVGVATALAPLQTDHYAALLGSNSESWGWDIGRGKLYHQSKGPGAPQYPAGTQGEQLEVPERLLVVLDMEEGTLG
YAIGGTYLGPAFRGLKGRTLYPAVSAVWGQCQVRIRYLGERGSHHHHHH
;
A
2 'polypeptide(L)' KDINNNVEK B
#
# COMPACT_ATOMS: atom_id res chain seq x y z
N GLY A 2 7.68 -7.17 -18.29
CA GLY A 2 6.94 -6.58 -17.15
C GLY A 2 6.03 -5.46 -17.62
N ASP A 3 6.65 -4.51 -18.34
CA ASP A 3 5.96 -3.35 -18.90
C ASP A 3 4.91 -3.74 -19.95
N LEU A 4 5.06 -4.87 -20.66
CA LEU A 4 4.02 -5.28 -21.69
C LEU A 4 2.69 -5.67 -21.02
N SER A 5 2.66 -5.89 -19.70
CA SER A 5 1.45 -6.17 -18.99
C SER A 5 0.83 -4.90 -18.38
N CYS A 6 1.45 -3.76 -18.55
CA CYS A 6 0.96 -2.65 -17.77
C CYS A 6 -0.35 -2.10 -18.27
N PRO A 7 -1.09 -1.41 -17.40
CA PRO A 7 -2.34 -0.79 -17.81
C PRO A 7 -2.12 0.16 -18.98
N GLU A 8 -3.14 0.24 -19.82
CA GLU A 8 -3.11 1.27 -20.86
C GLU A 8 -3.02 2.65 -20.21
N GLY A 9 -2.15 3.50 -20.74
CA GLY A 9 -2.02 4.85 -20.24
C GLY A 9 -1.03 4.98 -19.09
N LEU A 10 -0.48 3.90 -18.55
CA LEU A 10 0.41 4.06 -17.38
C LEU A 10 1.67 4.81 -17.79
N GLU A 11 2.27 4.43 -18.93
CA GLU A 11 3.60 5.02 -19.27
C GLU A 11 3.41 6.53 -19.44
N GLU A 12 2.32 6.97 -20.04
CA GLU A 12 2.05 8.33 -20.26
C GLU A 12 1.75 9.03 -18.93
N LEU A 13 0.91 8.43 -18.06
CA LEU A 13 0.62 8.98 -16.69
C LEU A 13 1.95 9.24 -15.96
N LEU A 14 2.83 8.28 -15.98
CA LEU A 14 4.07 8.42 -15.16
C LEU A 14 5.05 9.41 -15.79
N SER A 15 4.96 9.68 -17.10
CA SER A 15 5.84 10.65 -17.76
C SER A 15 5.38 12.08 -17.57
N ALA A 16 4.16 12.31 -17.11
CA ALA A 16 3.60 13.64 -16.98
C ALA A 16 4.17 14.35 -15.76
N PRO A 17 4.17 15.70 -15.70
CA PRO A 17 4.65 16.41 -14.52
C PRO A 17 3.86 15.93 -13.31
N PRO A 18 4.53 15.60 -12.20
CA PRO A 18 3.78 15.04 -11.08
C PRO A 18 2.88 16.03 -10.37
N PRO A 19 1.78 15.56 -9.76
CA PRO A 19 0.88 16.38 -8.98
C PRO A 19 1.64 17.17 -7.90
N ASP A 20 1.23 18.43 -7.75
CA ASP A 20 1.83 19.36 -6.80
C ASP A 20 1.49 18.98 -5.34
N LEU A 21 2.01 19.76 -4.40
CA LEU A 21 1.86 19.42 -2.97
C LEU A 21 0.39 19.49 -2.56
N GLY A 22 -0.41 20.38 -3.11
CA GLY A 22 -1.80 20.49 -2.78
C GLY A 22 -2.53 19.22 -3.18
N ALA A 23 -2.24 18.71 -4.39
CA ALA A 23 -2.88 17.51 -4.88
C ALA A 23 -2.40 16.29 -4.07
N GLN A 24 -1.13 16.26 -3.71
CA GLN A 24 -0.60 15.19 -2.86
C GLN A 24 -1.29 15.18 -1.50
N ARG A 25 -1.58 16.34 -0.93
CA ARG A 25 -2.32 16.39 0.32
C ARG A 25 -3.76 15.95 0.13
N ARG A 26 -4.41 16.40 -0.96
CA ARG A 26 -5.80 16.08 -1.18
C ARG A 26 -6.03 14.57 -1.35
N HIS A 27 -5.04 13.89 -1.96
CA HIS A 27 -5.11 12.48 -2.20
C HIS A 27 -4.30 11.66 -1.21
N GLY A 28 -3.75 12.29 -0.19
CA GLY A 28 -2.89 11.59 0.75
C GLY A 28 -3.67 10.97 1.87
N TRP A 29 -2.95 10.59 2.93
CA TRP A 29 -3.58 9.86 4.01
C TRP A 29 -4.65 10.71 4.71
N ASN A 30 -5.70 10.03 5.19
CA ASN A 30 -6.83 10.67 5.83
C ASN A 30 -6.71 10.65 7.34
N PRO A 31 -6.55 11.81 8.01
CA PRO A 31 -6.49 11.77 9.48
C PRO A 31 -7.79 11.25 10.08
N LYS A 32 -8.90 11.31 9.35
CA LYS A 32 -10.20 10.87 9.82
C LYS A 32 -10.48 9.44 9.41
N ASP A 33 -9.52 8.73 8.82
CA ASP A 33 -9.72 7.35 8.35
C ASP A 33 -8.44 6.53 8.50
N CYS A 34 -7.99 6.39 9.74
CA CYS A 34 -6.80 5.62 10.05
C CYS A 34 -6.94 5.06 11.46
N SER A 35 -6.09 4.11 11.79
CA SER A 35 -6.00 3.59 13.16
C SER A 35 -5.89 4.75 14.15
N GLU A 36 -6.50 4.53 15.34
CA GLU A 36 -6.28 5.41 16.48
C GLU A 36 -4.81 5.53 16.81
N ASN A 37 -3.98 4.54 16.48
CA ASN A 37 -2.56 4.56 16.82
C ASN A 37 -1.68 5.19 15.73
N ILE A 38 -2.31 5.74 14.68
CA ILE A 38 -1.60 6.46 13.63
C ILE A 38 -1.97 7.93 13.69
N GLU A 39 -0.97 8.77 13.46
CA GLU A 39 -1.18 10.22 13.26
C GLU A 39 -0.80 10.58 11.82
N VAL A 40 -1.66 11.32 11.17
CA VAL A 40 -1.43 11.78 9.80
C VAL A 40 -0.87 13.17 9.86
N LYS A 41 0.26 13.40 9.23
CA LYS A 41 1.01 14.65 9.34
C LYS A 41 1.07 15.31 7.96
N GLU A 42 1.46 16.59 8.01
CA GLU A 42 1.69 17.42 6.81
C GLU A 42 0.47 17.40 5.90
N GLY A 43 -0.74 17.33 6.43
CA GLY A 43 -1.93 17.41 5.65
C GLY A 43 -2.13 16.18 4.76
N GLY A 44 -1.46 15.06 5.07
CA GLY A 44 -1.66 13.82 4.34
C GLY A 44 -0.42 13.26 3.70
N LEU A 45 0.69 14.00 3.67
CA LEU A 45 1.88 13.52 2.92
C LEU A 45 2.46 12.25 3.53
N TYR A 46 2.38 12.12 4.87
CA TYR A 46 2.90 10.96 5.50
C TYR A 46 2.11 10.69 6.77
N PHE A 47 2.23 9.49 7.29
CA PHE A 47 1.67 9.17 8.63
C PHE A 47 2.79 8.61 9.49
N GLU A 48 2.65 8.75 10.81
CA GLU A 48 3.54 8.06 11.76
C GLU A 48 2.69 7.12 12.64
N ARG A 49 3.16 5.89 12.78
CA ARG A 49 2.52 4.98 13.70
C ARG A 49 3.17 5.08 15.06
N ARG A 50 2.36 5.30 16.10
CA ARG A 50 2.89 5.38 17.46
C ARG A 50 3.33 4.02 17.98
N PRO A 51 4.27 3.97 18.95
CA PRO A 51 4.92 2.73 19.35
C PRO A 51 4.09 1.91 20.32
N VAL A 52 2.95 1.48 19.86
CA VAL A 52 1.97 0.73 20.63
C VAL A 52 2.24 -0.75 20.41
N ALA A 53 2.44 -1.50 21.50
CA ALA A 53 2.78 -2.92 21.42
C ALA A 53 1.56 -3.73 21.01
N GLN A 54 1.82 -4.84 20.32
CA GLN A 54 0.82 -5.85 20.01
C GLN A 54 -0.35 -5.22 19.28
N SER A 55 -0.06 -4.49 18.19
CA SER A 55 -1.05 -3.78 17.38
C SER A 55 -0.51 -3.75 15.96
N THR A 56 -1.42 -3.95 15.03
CA THR A 56 -1.21 -3.68 13.59
C THR A 56 -2.18 -2.55 13.22
N ASP A 57 -1.73 -1.60 12.41
CA ASP A 57 -2.40 -0.31 12.27
C ASP A 57 -2.35 0.09 10.80
N GLY A 58 -3.52 0.44 10.27
CA GLY A 58 -3.61 0.88 8.90
C GLY A 58 -4.14 2.26 8.70
N ALA A 59 -4.00 2.75 7.46
CA ALA A 59 -4.52 4.07 7.05
C ALA A 59 -5.06 3.90 5.65
N ARG A 60 -6.09 4.68 5.36
CA ARG A 60 -6.60 4.88 4.02
C ARG A 60 -6.31 6.29 3.51
N GLY A 61 -6.09 6.41 2.22
CA GLY A 61 -6.12 7.71 1.59
C GLY A 61 -7.47 8.37 1.67
N LYS A 62 -7.48 9.70 1.44
CA LYS A 62 -8.72 10.49 1.49
C LYS A 62 -9.67 10.16 0.35
N ARG A 63 -9.16 9.74 -0.79
CA ARG A 63 -9.97 9.66 -2.01
C ARG A 63 -10.07 8.21 -2.50
N GLY A 64 -11.29 7.80 -2.74
CA GLY A 64 -11.60 6.44 -3.21
C GLY A 64 -11.77 6.43 -4.71
N TYR A 65 -11.28 5.41 -5.39
CA TYR A 65 -11.23 5.34 -6.83
C TYR A 65 -12.09 4.17 -7.27
N SER A 66 -12.96 4.44 -8.26
CA SER A 66 -13.85 3.39 -8.80
C SER A 66 -13.70 3.23 -10.31
N ARG A 67 -13.02 4.17 -10.98
CA ARG A 67 -12.89 4.14 -12.44
C ARG A 67 -11.52 4.69 -12.80
N GLY A 68 -11.06 4.32 -13.99
CA GLY A 68 -9.81 4.87 -14.54
C GLY A 68 -8.57 4.32 -13.86
N LEU A 69 -7.45 4.95 -14.18
CA LEU A 69 -6.15 4.49 -13.78
C LEU A 69 -5.65 5.50 -12.76
N HIS A 70 -5.15 4.97 -11.63
CA HIS A 70 -4.56 5.85 -10.59
C HIS A 70 -3.24 5.26 -10.17
N ALA A 71 -2.31 6.11 -9.81
CA ALA A 71 -1.05 5.61 -9.30
C ALA A 71 -0.57 6.52 -8.17
N TRP A 72 0.25 5.93 -7.29
CA TRP A 72 0.85 6.72 -6.19
C TRP A 72 2.13 6.01 -5.80
N GLU A 73 3.03 6.80 -5.23
CA GLU A 73 4.27 6.29 -4.74
C GLU A 73 4.17 6.15 -3.22
N ILE A 74 4.58 5.00 -2.67
CA ILE A 74 4.74 4.82 -1.22
C ILE A 74 6.23 4.86 -0.94
N SER A 75 6.60 5.64 0.09
CA SER A 75 7.97 5.66 0.55
C SER A 75 7.96 5.12 1.97
N TRP A 76 8.69 4.04 2.22
CA TRP A 76 8.64 3.33 3.51
C TRP A 76 10.06 2.93 3.86
N PRO A 77 10.74 3.70 4.73
CA PRO A 77 12.13 3.41 5.05
C PRO A 77 12.34 1.95 5.43
N LEU A 78 13.41 1.38 4.86
CA LEU A 78 13.67 -0.03 5.01
C LEU A 78 13.79 -0.48 6.46
N GLU A 79 14.36 0.36 7.31
CA GLU A 79 14.59 -0.06 8.67
C GLU A 79 13.35 0.19 9.52
N GLN A 80 12.21 0.60 8.93
CA GLN A 80 10.98 0.96 9.67
C GLN A 80 9.84 0.03 9.25
N ARG A 81 10.17 -1.16 8.81
CA ARG A 81 9.16 -2.07 8.32
C ARG A 81 8.78 -3.17 9.32
N GLY A 82 9.67 -3.57 10.23
CA GLY A 82 9.32 -4.61 11.21
C GLY A 82 8.83 -5.91 10.58
N THR A 83 7.97 -6.64 11.28
CA THR A 83 7.65 -7.98 10.92
C THR A 83 6.59 -8.09 9.82
N HIS A 84 5.76 -7.05 9.60
CA HIS A 84 4.58 -7.08 8.71
C HIS A 84 4.37 -5.70 8.12
N ALA A 85 4.90 -5.44 6.92
CA ALA A 85 4.74 -4.21 6.22
C ALA A 85 3.98 -4.49 4.94
N VAL A 86 2.72 -4.03 4.81
CA VAL A 86 1.88 -4.46 3.71
C VAL A 86 1.34 -3.22 3.01
N VAL A 87 1.42 -3.22 1.67
CA VAL A 87 1.06 -2.08 0.83
C VAL A 87 0.00 -2.51 -0.18
N GLY A 88 -1.10 -1.76 -0.32
CA GLY A 88 -2.13 -2.09 -1.29
C GLY A 88 -3.27 -1.12 -1.32
N VAL A 89 -4.48 -1.69 -1.23
CA VAL A 89 -5.70 -0.91 -1.30
C VAL A 89 -6.76 -1.55 -0.39
N ALA A 90 -7.78 -0.76 -0.07
CA ALA A 90 -8.88 -1.24 0.77
C ALA A 90 -10.17 -0.54 0.39
N THR A 91 -11.27 -1.25 0.58
CA THR A 91 -12.55 -0.55 0.56
C THR A 91 -12.69 0.29 1.82
N ALA A 92 -13.75 1.09 1.84
CA ALA A 92 -14.04 1.89 3.01
C ALA A 92 -14.39 1.03 4.22
N LEU A 93 -14.71 -0.24 4.03
CA LEU A 93 -15.17 -1.11 5.13
C LEU A 93 -14.06 -1.92 5.77
N ALA A 94 -12.85 -1.94 5.21
CA ALA A 94 -11.79 -2.76 5.78
C ALA A 94 -11.42 -2.27 7.16
N PRO A 95 -11.14 -3.19 8.11
CA PRO A 95 -10.69 -2.80 9.44
C PRO A 95 -9.24 -2.28 9.35
N LEU A 96 -8.93 -1.30 10.19
CA LEU A 96 -7.64 -0.66 10.19
C LEU A 96 -6.88 -0.81 11.51
N GLN A 97 -7.31 -1.67 12.40
CA GLN A 97 -6.50 -1.93 13.59
C GLN A 97 -6.82 -3.32 14.10
N THR A 98 -5.82 -4.03 14.62
CA THR A 98 -6.04 -5.29 15.33
C THR A 98 -4.98 -5.44 16.39
N ASP A 99 -5.33 -6.17 17.46
CA ASP A 99 -4.51 -6.26 18.68
C ASP A 99 -3.48 -7.39 18.62
N HIS A 100 -2.82 -7.57 17.50
CA HIS A 100 -1.67 -8.47 17.38
C HIS A 100 -0.91 -8.05 16.13
N TYR A 101 0.26 -8.60 15.90
CA TYR A 101 1.07 -8.30 14.74
C TYR A 101 0.72 -9.24 13.59
N ALA A 102 0.28 -8.69 12.48
CA ALA A 102 -0.24 -9.50 11.41
C ALA A 102 -0.19 -8.69 10.12
N ALA A 103 -0.36 -9.39 9.01
CA ALA A 103 -0.65 -8.76 7.70
C ALA A 103 -2.13 -8.37 7.64
N LEU A 104 -2.50 -7.29 8.34
CA LEU A 104 -3.88 -6.87 8.47
C LEU A 104 -4.47 -6.53 7.09
N LEU A 105 -3.73 -5.75 6.29
CA LEU A 105 -4.16 -5.43 4.93
C LEU A 105 -4.08 -6.68 4.05
N GLY A 106 -5.24 -7.16 3.63
CA GLY A 106 -5.34 -8.39 2.85
C GLY A 106 -5.85 -9.56 3.65
N SER A 107 -6.16 -9.38 4.92
CA SER A 107 -6.60 -10.50 5.81
C SER A 107 -8.11 -10.70 5.72
N ASN A 108 -8.78 -10.07 4.78
CA ASN A 108 -10.24 -10.09 4.70
C ASN A 108 -10.63 -9.80 3.26
N SER A 109 -11.96 -9.75 3.04
CA SER A 109 -12.50 -9.53 1.73
C SER A 109 -12.41 -8.09 1.26
N GLU A 110 -12.08 -7.18 2.18
CA GLU A 110 -12.18 -5.77 1.91
C GLU A 110 -10.82 -5.12 1.64
N SER A 111 -9.76 -5.92 1.50
CA SER A 111 -8.40 -5.39 1.38
C SER A 111 -7.51 -6.34 0.60
N TRP A 112 -6.49 -5.75 -0.01
CA TRP A 112 -5.55 -6.39 -0.92
C TRP A 112 -4.17 -5.82 -0.60
N GLY A 113 -3.19 -6.69 -0.32
CA GLY A 113 -1.87 -6.20 0.09
C GLY A 113 -0.73 -7.02 -0.43
N TRP A 114 0.38 -6.37 -0.67
CA TRP A 114 1.68 -7.00 -0.91
C TRP A 114 2.54 -6.78 0.31
N ASP A 115 2.99 -7.89 0.89
CA ASP A 115 3.93 -7.89 1.97
C ASP A 115 5.31 -7.56 1.42
N ILE A 116 5.80 -6.36 1.67
CA ILE A 116 7.06 -5.92 1.01
C ILE A 116 8.29 -6.49 1.70
N GLY A 117 8.16 -7.17 2.83
CA GLY A 117 9.22 -7.93 3.48
C GLY A 117 9.31 -9.34 2.93
N ARG A 118 8.19 -10.03 2.80
CA ARG A 118 8.14 -11.44 2.46
C ARG A 118 7.90 -11.67 0.98
N GLY A 119 7.41 -10.65 0.27
CA GLY A 119 7.05 -10.78 -1.13
C GLY A 119 5.76 -11.51 -1.40
N LYS A 120 4.87 -11.61 -0.43
CA LYS A 120 3.64 -12.43 -0.57
C LYS A 120 2.42 -11.54 -0.76
N LEU A 121 1.43 -12.09 -1.44
CA LEU A 121 0.19 -11.37 -1.67
C LEU A 121 -0.89 -11.85 -0.74
N TYR A 122 -1.64 -10.91 -0.19
CA TYR A 122 -2.75 -11.22 0.73
C TYR A 122 -4.06 -10.62 0.23
N HIS A 123 -5.04 -11.50 0.04
CA HIS A 123 -6.46 -11.11 -0.07
C HIS A 123 -7.28 -12.24 0.53
N GLN A 124 -8.18 -11.95 1.48
CA GLN A 124 -8.89 -13.04 2.18
C GLN A 124 -7.90 -14.06 2.71
N SER A 125 -6.75 -13.64 3.22
CA SER A 125 -5.64 -14.56 3.63
C SER A 125 -5.17 -14.30 5.06
N LYS A 126 -4.96 -15.35 5.88
CA LYS A 126 -4.30 -15.16 7.21
C LYS A 126 -2.78 -15.39 7.10
N GLY A 127 -2.31 -15.68 5.87
CA GLY A 127 -0.88 -15.74 5.57
C GLY A 127 -0.41 -17.10 5.07
N PRO A 128 -0.78 -18.24 5.71
CA PRO A 128 -0.32 -19.56 5.28
C PRO A 128 -0.77 -19.82 3.83
N GLY A 129 0.21 -20.17 3.00
CA GLY A 129 0.01 -20.49 1.61
C GLY A 129 0.01 -19.30 0.67
N ALA A 130 0.22 -18.06 1.16
CA ALA A 130 0.02 -16.89 0.27
C ALA A 130 1.06 -16.88 -0.85
N PRO A 131 0.68 -16.52 -2.10
CA PRO A 131 1.57 -16.65 -3.25
C PRO A 131 2.61 -15.53 -3.28
N GLN A 132 3.75 -15.85 -3.89
CA GLN A 132 4.82 -14.90 -4.16
C GLN A 132 4.42 -13.95 -5.27
N TYR A 133 4.90 -12.72 -5.14
CA TYR A 133 4.78 -11.73 -6.24
C TYR A 133 6.02 -10.89 -6.28
N PRO A 134 6.59 -10.66 -7.48
CA PRO A 134 6.12 -11.23 -8.72
C PRO A 134 6.49 -12.71 -8.75
N ALA A 135 5.76 -13.51 -9.52
CA ALA A 135 6.21 -14.87 -9.71
C ALA A 135 7.52 -14.92 -10.55
N GLY A 136 8.33 -15.98 -10.37
CA GLY A 136 9.58 -16.19 -11.16
C GLY A 136 10.79 -16.04 -10.26
N THR A 137 12.01 -16.09 -10.83
CA THR A 137 13.28 -16.05 -10.07
C THR A 137 13.74 -14.61 -9.80
N GLN A 138 13.56 -13.76 -10.82
CA GLN A 138 13.42 -12.32 -10.70
C GLN A 138 12.01 -12.03 -10.12
N GLY A 139 11.92 -12.23 -8.81
CA GLY A 139 10.72 -12.56 -8.04
C GLY A 139 11.15 -13.30 -6.78
N GLU A 140 12.04 -14.29 -6.95
CA GLU A 140 12.64 -15.01 -5.82
C GLU A 140 13.80 -14.18 -5.21
N GLN A 141 14.19 -13.05 -5.83
CA GLN A 141 15.37 -12.33 -5.23
C GLN A 141 15.10 -10.83 -5.06
N LEU A 142 13.89 -10.36 -5.28
CA LEU A 142 13.58 -8.93 -5.25
C LEU A 142 13.63 -8.39 -3.82
N GLU A 143 14.43 -7.34 -3.56
CA GLU A 143 14.34 -6.59 -2.33
C GLU A 143 13.56 -5.33 -2.64
N VAL A 144 12.44 -5.08 -1.97
CA VAL A 144 11.61 -3.89 -2.25
C VAL A 144 12.36 -2.71 -1.69
N PRO A 145 12.72 -1.71 -2.49
CA PRO A 145 13.47 -0.59 -2.01
C PRO A 145 12.55 0.38 -1.26
N GLU A 146 13.11 1.47 -0.79
CA GLU A 146 12.33 2.43 0.00
C GLU A 146 11.06 2.88 -0.73
N ARG A 147 11.19 3.19 -2.01
CA ARG A 147 10.06 3.68 -2.78
C ARG A 147 9.51 2.59 -3.69
N LEU A 148 8.17 2.53 -3.79
CA LEU A 148 7.53 1.65 -4.77
C LEU A 148 6.28 2.35 -5.27
N LEU A 149 5.89 2.02 -6.50
CA LEU A 149 4.67 2.59 -7.04
C LEU A 149 3.55 1.57 -6.91
N VAL A 150 2.35 2.08 -6.64
CA VAL A 150 1.13 1.28 -6.57
C VAL A 150 0.24 1.75 -7.70
N VAL A 151 -0.25 0.78 -8.48
CA VAL A 151 -0.96 1.08 -9.72
C VAL A 151 -2.30 0.37 -9.68
N LEU A 152 -3.37 1.14 -9.71
CA LEU A 152 -4.74 0.69 -9.62
C LEU A 152 -5.44 0.98 -10.94
N ASP A 153 -5.82 -0.08 -11.65
CA ASP A 153 -6.49 0.00 -12.95
C ASP A 153 -7.95 -0.46 -12.74
N MET A 154 -8.86 0.50 -12.65
CA MET A 154 -10.25 0.17 -12.32
C MET A 154 -11.03 -0.17 -13.59
N GLU A 155 -10.43 -0.04 -14.76
CA GLU A 155 -11.09 -0.49 -16.01
C GLU A 155 -10.90 -2.01 -16.19
N GLU A 156 -9.70 -2.51 -15.96
CA GLU A 156 -9.42 -3.95 -15.91
C GLU A 156 -9.74 -4.56 -14.54
N GLY A 157 -9.75 -3.75 -13.49
CA GLY A 157 -9.91 -4.21 -12.13
C GLY A 157 -8.69 -4.92 -11.61
N THR A 158 -7.52 -4.25 -11.73
CA THR A 158 -6.25 -4.84 -11.27
C THR A 158 -5.53 -3.87 -10.34
N LEU A 159 -4.70 -4.51 -9.52
CA LEU A 159 -3.69 -3.81 -8.69
C LEU A 159 -2.33 -4.40 -9.01
N GLY A 160 -1.35 -3.55 -9.28
CA GLY A 160 -0.01 -3.99 -9.49
C GLY A 160 0.96 -2.94 -8.98
N TYR A 161 2.24 -3.24 -9.09
CA TYR A 161 3.29 -2.42 -8.47
C TYR A 161 4.43 -2.21 -9.46
N ALA A 162 5.15 -1.12 -9.27
CA ALA A 162 6.36 -0.82 -10.06
C ALA A 162 7.49 -0.53 -9.12
N ILE A 163 8.69 -1.00 -9.45
CA ILE A 163 9.90 -0.68 -8.70
C ILE A 163 11.00 -0.33 -9.70
N GLY A 164 11.73 0.75 -9.41
CA GLY A 164 12.95 1.06 -10.20
C GLY A 164 12.65 1.31 -11.66
N GLY A 165 11.43 1.74 -11.95
CA GLY A 165 11.00 2.14 -13.26
C GLY A 165 10.32 1.05 -14.06
N THR A 166 10.17 -0.14 -13.47
CA THR A 166 9.63 -1.32 -14.18
C THR A 166 8.33 -1.76 -13.50
N TYR A 167 7.24 -1.83 -14.25
CA TYR A 167 6.00 -2.44 -13.76
C TYR A 167 6.18 -3.93 -13.62
N LEU A 168 5.77 -4.49 -12.50
CA LEU A 168 6.09 -5.85 -12.13
C LEU A 168 4.94 -6.80 -12.50
N GLY A 169 3.85 -6.27 -13.07
CA GLY A 169 2.73 -7.06 -13.55
C GLY A 169 1.55 -6.88 -12.62
N PRO A 170 0.35 -7.27 -13.05
CA PRO A 170 -0.79 -7.26 -12.13
C PRO A 170 -0.62 -8.28 -11.02
N ALA A 171 -0.82 -7.83 -9.79
CA ALA A 171 -0.73 -8.68 -8.62
C ALA A 171 -2.11 -9.29 -8.29
N PHE A 172 -3.17 -8.50 -8.41
CA PHE A 172 -4.51 -8.90 -8.12
C PHE A 172 -5.39 -8.49 -9.30
N ARG A 173 -6.35 -9.35 -9.61
CA ARG A 173 -7.50 -9.05 -10.43
C ARG A 173 -8.76 -9.07 -9.57
N GLY A 174 -9.92 -8.85 -10.19
CA GLY A 174 -11.18 -8.95 -9.51
C GLY A 174 -11.55 -7.73 -8.70
N LEU A 175 -11.07 -6.56 -9.10
CA LEU A 175 -11.34 -5.32 -8.36
C LEU A 175 -12.49 -4.50 -8.93
N LYS A 176 -13.00 -4.81 -10.12
CA LYS A 176 -14.02 -3.93 -10.70
C LYS A 176 -15.28 -3.83 -9.82
N GLY A 177 -15.95 -2.69 -9.91
CA GLY A 177 -17.23 -2.47 -9.21
C GLY A 177 -17.04 -2.26 -7.71
N ARG A 178 -15.95 -1.58 -7.38
CA ARG A 178 -15.62 -1.23 -5.99
C ARG A 178 -15.12 0.21 -5.97
N THR A 179 -15.11 0.79 -4.81
CA THR A 179 -14.43 2.08 -4.55
C THR A 179 -13.26 1.79 -3.64
N LEU A 180 -12.05 1.98 -4.15
CA LEU A 180 -10.84 1.55 -3.45
C LEU A 180 -9.92 2.71 -3.14
N TYR A 181 -9.39 2.64 -1.91
CA TYR A 181 -8.56 3.67 -1.35
C TYR A 181 -7.13 3.14 -1.22
N PRO A 182 -6.11 3.99 -1.44
CA PRO A 182 -4.75 3.64 -1.05
C PRO A 182 -4.73 3.19 0.41
N ALA A 183 -3.93 2.18 0.71
CA ALA A 183 -3.89 1.66 2.07
C ALA A 183 -2.57 0.99 2.34
N VAL A 184 -2.23 0.96 3.62
CA VAL A 184 -1.10 0.18 4.12
C VAL A 184 -1.49 -0.35 5.49
N SER A 185 -0.84 -1.44 5.92
CA SER A 185 -0.86 -1.82 7.37
C SER A 185 0.57 -1.97 7.84
N ALA A 186 0.79 -1.51 9.08
CA ALA A 186 2.12 -1.39 9.67
C ALA A 186 2.12 -1.86 11.13
N VAL A 187 3.33 -2.25 11.58
CA VAL A 187 3.51 -2.74 12.95
C VAL A 187 4.68 -2.02 13.65
N TRP A 188 5.47 -1.20 12.97
CA TRP A 188 6.73 -0.71 13.49
C TRP A 188 6.53 0.60 14.25
N GLY A 189 7.06 0.68 15.46
CA GLY A 189 6.94 1.86 16.27
C GLY A 189 7.69 3.02 15.66
N GLN A 190 6.99 4.13 15.49
CA GLN A 190 7.49 5.38 14.91
C GLN A 190 7.83 5.27 13.41
N CYS A 191 7.34 4.26 12.72
CA CYS A 191 7.46 4.30 11.26
C CYS A 191 6.76 5.52 10.68
N GLN A 192 7.37 6.05 9.62
CA GLN A 192 6.86 7.18 8.84
C GLN A 192 6.69 6.80 7.39
N VAL A 193 5.44 6.62 6.96
CA VAL A 193 5.16 6.08 5.64
C VAL A 193 4.56 7.22 4.81
N ARG A 194 5.20 7.52 3.69
CA ARG A 194 4.77 8.64 2.84
C ARG A 194 3.94 8.12 1.66
N ILE A 195 3.00 8.95 1.22
CA ILE A 195 2.26 8.70 0.01
C ILE A 195 2.38 9.92 -0.90
N ARG A 196 2.69 9.63 -2.16
CA ARG A 196 2.82 10.71 -3.16
C ARG A 196 1.93 10.33 -4.35
N TYR A 197 0.79 10.99 -4.44
CA TYR A 197 -0.12 10.80 -5.55
C TYR A 197 0.56 11.19 -6.84
N LEU A 198 0.37 10.32 -7.82
CA LEU A 198 0.98 10.53 -9.16
C LEU A 198 -0.07 10.82 -10.22
N GLY A 199 -1.35 10.85 -9.89
CA GLY A 199 -2.38 11.32 -10.82
C GLY A 199 -3.19 10.17 -11.34
N GLU A 200 -3.98 10.56 -12.33
CA GLU A 200 -4.96 9.66 -12.88
C GLU A 200 -5.10 9.86 -14.39
N ARG A 201 -5.60 8.80 -15.03
CA ARG A 201 -6.12 8.89 -16.39
C ARG A 201 -7.51 8.27 -16.42
N LYS B 1 11.77 -1.75 24.38
CA LYS B 1 10.99 -1.96 23.13
C LYS B 1 11.06 -3.43 22.69
N ASP B 2 9.99 -3.86 22.01
CA ASP B 2 9.83 -5.22 21.54
C ASP B 2 10.42 -5.34 20.13
N ILE B 3 10.14 -6.47 19.50
CA ILE B 3 10.66 -6.84 18.20
C ILE B 3 10.28 -5.81 17.11
N ASN B 4 9.16 -5.12 17.30
CA ASN B 4 8.63 -4.17 16.33
C ASN B 4 8.80 -2.74 16.83
N ASN B 5 9.71 -2.49 17.79
CA ASN B 5 10.07 -1.15 18.16
C ASN B 5 8.93 -0.48 18.94
N ASN B 6 8.12 -1.28 19.61
CA ASN B 6 6.98 -0.79 20.37
C ASN B 6 7.28 -0.94 21.86
N VAL B 7 6.68 -0.06 22.65
CA VAL B 7 6.92 -0.02 24.08
C VAL B 7 6.28 -1.24 24.73
N GLU B 8 7.10 -1.99 25.48
CA GLU B 8 6.63 -3.09 26.34
C GLU B 8 6.02 -2.51 27.63
#